data_2HT9
#
_entry.id   2HT9
#
_cell.length_a   111.754
_cell.length_b   111.754
_cell.length_c   51.647
_cell.angle_alpha   90.00
_cell.angle_beta   90.00
_cell.angle_gamma   120.00
#
_symmetry.space_group_name_H-M   'P 63'
#
loop_
_entity.id
_entity.type
_entity.pdbx_description
1 polymer Glutaredoxin-2
2 polymer '12-mer peptide'
3 non-polymer GLUTATHIONE
4 non-polymer 'FE2/S2 (INORGANIC) CLUSTER'
5 water water
#
loop_
_entity_poly.entity_id
_entity_poly.type
_entity_poly.pdbx_seq_one_letter_code
_entity_poly.pdbx_strand_id
1 'polypeptide(L)'
;MHHHHHHSSGVDLGTENLYFQSMESNTSSSLENLATAPVNQIQETISDNCVVIFSKTSCSYCTMAKKLFHDMNVNYKVVE
LDLLEYGNQFQDALYKMTGERTVPRIFVNGTFIGGATDTHRLHKEGKLLPLVHQCYLKKSKRKEFQ
;
A,B
2 'polypeptide(L)' LGTENLYFQSME X
#
loop_
_chem_comp.id
_chem_comp.type
_chem_comp.name
_chem_comp.formula
FES non-polymer 'FE2/S2 (INORGANIC) CLUSTER' 'Fe2 S2'
GSH non-polymer GLUTATHIONE 'C10 H17 N3 O6 S'
#
# COMPACT_ATOMS: atom_id res chain seq x y z
N LEU A 34 -13.52 15.05 -15.22
CA LEU A 34 -12.20 15.75 -15.39
C LEU A 34 -12.32 17.15 -15.97
N ALA A 35 -13.24 17.33 -16.92
CA ALA A 35 -13.61 18.67 -17.38
C ALA A 35 -14.19 19.50 -16.22
N THR A 36 -14.75 18.81 -15.22
CA THR A 36 -15.37 19.46 -14.06
C THR A 36 -14.66 19.20 -12.72
N ALA A 37 -13.36 18.92 -12.79
CA ALA A 37 -12.57 18.59 -11.59
C ALA A 37 -12.24 19.85 -10.75
N PRO A 38 -12.43 19.78 -9.41
CA PRO A 38 -12.20 20.91 -8.51
C PRO A 38 -10.73 21.23 -8.16
N VAL A 39 -9.97 21.56 -9.19
CA VAL A 39 -8.56 21.92 -9.04
C VAL A 39 -8.46 23.17 -8.20
N ASN A 40 -9.43 24.07 -8.35
CA ASN A 40 -9.46 25.31 -7.57
C ASN A 40 -9.49 25.06 -6.06
N GLN A 41 -10.15 23.98 -5.65
CA GLN A 41 -10.21 23.59 -4.23
C GLN A 41 -8.89 23.02 -3.73
N ILE A 42 -8.27 22.17 -4.52
CA ILE A 42 -6.94 21.67 -4.20
C ILE A 42 -6.03 22.86 -3.97
N GLN A 43 -6.07 23.80 -4.90
CA GLN A 43 -5.22 24.98 -4.84
CA GLN A 43 -5.21 24.99 -4.83
C GLN A 43 -5.43 25.81 -3.56
N GLU A 44 -6.69 25.92 -3.10
CA GLU A 44 -6.98 26.60 -1.81
C GLU A 44 -6.30 25.87 -0.65
N THR A 45 -6.52 24.56 -0.59
CA THR A 45 -5.96 23.75 0.47
C THR A 45 -4.43 23.78 0.51
N ILE A 46 -3.80 23.65 -0.65
CA ILE A 46 -2.33 23.59 -0.66
C ILE A 46 -1.67 24.97 -0.43
N SER A 47 -2.41 26.10 -0.62
CA SER A 47 -1.91 27.44 -0.33
CA SER A 47 -1.89 27.44 -0.34
C SER A 47 -2.07 27.79 1.14
N ASP A 48 -3.07 27.21 1.78
CA ASP A 48 -3.41 27.47 3.18
C ASP A 48 -2.68 26.57 4.19
N ASN A 49 -2.02 25.52 3.71
CA ASN A 49 -1.39 24.56 4.58
C ASN A 49 -0.02 24.19 4.01
N CYS A 50 1.01 24.20 4.84
CA CYS A 50 2.35 23.88 4.40
C CYS A 50 2.45 22.48 3.81
N VAL A 51 2.02 21.48 4.54
CA VAL A 51 2.06 20.07 4.11
C VAL A 51 0.63 19.52 4.03
N VAL A 52 0.31 19.00 2.87
CA VAL A 52 -0.99 18.37 2.63
C VAL A 52 -0.74 17.00 2.02
N ILE A 53 -1.29 16.00 2.68
CA ILE A 53 -1.29 14.64 2.18
C ILE A 53 -2.71 14.17 1.84
N PHE A 54 -2.97 14.04 0.54
CA PHE A 54 -4.19 13.41 0.07
C PHE A 54 -3.99 11.91 0.14
N SER A 55 -4.91 11.23 0.82
CA SER A 55 -4.68 9.93 1.45
C SER A 55 -5.92 9.06 1.36
N LYS A 56 -5.75 7.76 1.61
CA LYS A 56 -6.86 6.88 2.05
C LYS A 56 -6.46 6.13 3.29
N THR A 57 -7.43 5.94 4.19
CA THR A 57 -7.21 5.29 5.47
C THR A 57 -6.76 3.83 5.34
N SER A 58 -7.14 3.21 4.25
CA SER A 58 -6.91 1.81 4.04
C SER A 58 -5.51 1.51 3.46
N CYS A 59 -4.71 2.54 3.19
CA CYS A 59 -3.50 2.42 2.42
C CYS A 59 -2.21 2.57 3.25
N SER A 60 -1.36 1.56 3.21
CA SER A 60 -0.10 1.55 3.99
C SER A 60 0.92 2.57 3.47
N TYR A 61 0.95 2.80 2.16
CA TYR A 61 1.79 3.88 1.60
C TYR A 61 1.42 5.25 2.14
N CYS A 62 0.12 5.51 2.23
CA CYS A 62 -0.34 6.76 2.90
C CYS A 62 0.04 6.80 4.37
N THR A 63 -0.14 5.69 5.08
CA THR A 63 0.24 5.60 6.49
C THR A 63 1.72 5.88 6.71
N MET A 64 2.60 5.28 5.88
CA MET A 64 4.05 5.55 5.95
C MET A 64 4.37 7.03 5.67
N ALA A 65 3.69 7.66 4.70
CA ALA A 65 3.86 9.09 4.40
C ALA A 65 3.43 9.98 5.57
N LYS A 66 2.27 9.73 6.17
CA LYS A 66 1.85 10.48 7.35
C LYS A 66 2.84 10.29 8.54
N LYS A 67 3.30 9.06 8.76
CA LYS A 67 4.24 8.77 9.84
C LYS A 67 5.57 9.53 9.69
N LEU A 68 6.04 9.71 8.46
CA LEU A 68 7.24 10.46 8.20
C LEU A 68 7.13 11.90 8.69
N PHE A 69 6.06 12.60 8.31
CA PHE A 69 5.83 13.96 8.82
C PHE A 69 5.56 13.99 10.31
N HIS A 70 4.84 13.00 10.81
CA HIS A 70 4.64 12.89 12.25
C HIS A 70 5.98 12.83 12.97
N ASP A 71 6.84 11.93 12.51
CA ASP A 71 8.15 11.70 13.11
C ASP A 71 9.06 12.92 12.98
N MET A 72 8.92 13.68 11.90
CA MET A 72 9.67 14.94 11.73
C MET A 72 9.18 16.00 12.70
N ASN A 73 7.98 15.81 13.25
CA ASN A 73 7.38 16.72 14.22
C ASN A 73 7.05 18.07 13.56
N VAL A 74 6.61 18.01 12.32
CA VAL A 74 6.12 19.18 11.61
C VAL A 74 4.62 19.03 11.42
N ASN A 75 3.95 20.16 11.38
CA ASN A 75 2.49 20.20 11.15
C ASN A 75 2.16 19.74 9.72
N TYR A 76 1.13 18.91 9.61
CA TYR A 76 0.67 18.39 8.34
C TYR A 76 -0.86 18.18 8.38
N LYS A 77 -1.46 18.39 7.22
CA LYS A 77 -2.89 18.18 6.98
C LYS A 77 -3.06 16.93 6.14
N VAL A 78 -4.02 16.09 6.53
CA VAL A 78 -4.41 14.95 5.71
CA VAL A 78 -4.42 14.94 5.73
C VAL A 78 -5.80 15.18 5.14
N VAL A 79 -6.04 14.59 3.98
CA VAL A 79 -7.36 14.59 3.37
C VAL A 79 -7.66 13.11 3.06
N GLU A 80 -8.51 12.50 3.87
CA GLU A 80 -8.81 11.07 3.74
C GLU A 80 -9.95 10.91 2.76
N LEU A 81 -9.56 10.70 1.52
CA LEU A 81 -10.49 10.73 0.39
C LEU A 81 -11.57 9.63 0.46
N ASP A 82 -11.22 8.49 1.03
CA ASP A 82 -12.15 7.38 1.20
C ASP A 82 -13.28 7.65 2.24
N LEU A 83 -13.10 8.65 3.09
CA LEU A 83 -14.08 9.01 4.11
C LEU A 83 -14.98 10.19 3.71
N LEU A 84 -14.70 10.80 2.57
CA LEU A 84 -15.36 11.99 2.17
C LEU A 84 -16.33 11.71 1.04
N GLU A 85 -17.54 12.23 1.17
CA GLU A 85 -18.56 12.14 0.13
C GLU A 85 -18.02 12.63 -1.21
N TYR A 86 -17.20 13.68 -1.18
CA TYR A 86 -16.66 14.28 -2.41
C TYR A 86 -15.22 13.93 -2.68
N GLY A 87 -14.77 12.83 -2.06
CA GLY A 87 -13.45 12.27 -2.28
C GLY A 87 -13.12 11.99 -3.74
N ASN A 88 -14.10 11.48 -4.47
CA ASN A 88 -13.88 11.14 -5.88
C ASN A 88 -13.64 12.40 -6.72
N GLN A 89 -14.31 13.50 -6.38
CA GLN A 89 -14.07 14.78 -7.04
CA GLN A 89 -14.06 14.79 -7.03
C GLN A 89 -12.64 15.29 -6.77
N PHE A 90 -12.17 15.20 -5.54
CA PHE A 90 -10.78 15.58 -5.24
C PHE A 90 -9.81 14.69 -6.01
N GLN A 91 -10.10 13.40 -6.11
CA GLN A 91 -9.26 12.52 -6.93
C GLN A 91 -9.24 12.90 -8.43
N ASP A 92 -10.38 13.26 -9.01
CA ASP A 92 -10.42 13.78 -10.39
C ASP A 92 -9.51 14.99 -10.55
N ALA A 93 -9.59 15.92 -9.59
CA ALA A 93 -8.74 17.12 -9.57
C ALA A 93 -7.24 16.74 -9.44
N LEU A 94 -6.92 15.80 -8.55
CA LEU A 94 -5.52 15.36 -8.39
C LEU A 94 -4.97 14.74 -9.70
N TYR A 95 -5.83 14.00 -10.39
CA TYR A 95 -5.48 13.40 -11.67
C TYR A 95 -5.21 14.48 -12.69
N LYS A 96 -6.10 15.46 -12.77
CA LYS A 96 -5.94 16.60 -13.67
C LYS A 96 -4.64 17.36 -13.38
N MET A 97 -4.32 17.59 -12.10
CA MET A 97 -3.16 18.39 -11.74
C MET A 97 -1.84 17.63 -11.82
N THR A 98 -1.86 16.37 -11.44
CA THR A 98 -0.62 15.60 -11.30
C THR A 98 -0.48 14.50 -12.33
N GLY A 99 -1.53 14.17 -13.06
CA GLY A 99 -1.46 13.14 -14.12
C GLY A 99 -1.61 11.69 -13.66
N GLU A 100 -1.82 11.45 -12.38
CA GLU A 100 -2.08 10.10 -11.83
C GLU A 100 -3.24 10.18 -10.87
N ARG A 101 -4.12 9.18 -10.90
CA ARG A 101 -5.22 9.10 -9.97
C ARG A 101 -4.84 8.13 -8.82
N THR A 102 -3.75 8.44 -8.11
CA THR A 102 -3.25 7.55 -7.06
C THR A 102 -3.11 8.32 -5.74
N VAL A 103 -3.01 7.57 -4.64
CA VAL A 103 -2.70 8.11 -3.35
C VAL A 103 -1.41 7.44 -2.83
N PRO A 104 -0.67 8.12 -1.97
CA PRO A 104 -0.91 9.50 -1.60
C PRO A 104 -0.50 10.50 -2.69
N ARG A 105 -0.96 11.73 -2.54
CA ARG A 105 -0.51 12.87 -3.35
C ARG A 105 -0.08 13.92 -2.35
N ILE A 106 1.19 14.27 -2.38
CA ILE A 106 1.81 15.07 -1.33
C ILE A 106 2.25 16.41 -1.88
N PHE A 107 1.82 17.44 -1.15
CA PHE A 107 2.12 18.84 -1.43
C PHE A 107 2.87 19.50 -0.27
N VAL A 108 3.92 20.26 -0.61
CA VAL A 108 4.67 21.02 0.37
C VAL A 108 4.91 22.41 -0.15
N ASN A 109 4.54 23.40 0.66
CA ASN A 109 4.66 24.78 0.28
C ASN A 109 3.94 25.06 -1.04
N GLY A 110 2.80 24.42 -1.28
CA GLY A 110 1.97 24.72 -2.44
C GLY A 110 2.46 24.03 -3.67
N THR A 111 3.49 23.21 -3.54
CA THR A 111 4.09 22.47 -4.67
C THR A 111 3.85 20.98 -4.53
N PHE A 112 3.41 20.34 -5.62
CA PHE A 112 3.30 18.87 -5.63
C PHE A 112 4.69 18.26 -5.61
N ILE A 113 4.98 17.46 -4.59
CA ILE A 113 6.29 16.79 -4.49
C ILE A 113 6.27 15.32 -4.84
N GLY A 114 5.10 14.76 -5.07
CA GLY A 114 5.01 13.36 -5.48
C GLY A 114 4.13 12.49 -4.64
N GLY A 115 4.31 11.17 -4.81
CA GLY A 115 3.71 10.14 -4.02
C GLY A 115 4.59 9.71 -2.86
N ALA A 116 4.29 8.54 -2.34
CA ALA A 116 5.01 8.01 -1.19
C ALA A 116 6.51 7.74 -1.54
N THR A 117 6.77 7.13 -2.68
CA THR A 117 8.14 6.82 -3.14
CA THR A 117 8.16 6.81 -3.03
C THR A 117 8.99 8.09 -3.28
N ASP A 118 8.41 9.10 -3.89
CA ASP A 118 9.12 10.34 -4.17
C ASP A 118 9.45 11.08 -2.84
N THR A 119 8.48 11.06 -1.92
CA THR A 119 8.57 11.73 -0.66
C THR A 119 9.63 11.03 0.18
N HIS A 120 9.64 9.70 0.16
CA HIS A 120 10.65 9.00 0.93
CA HIS A 120 10.66 8.90 0.85
C HIS A 120 12.07 9.18 0.31
N ARG A 121 12.16 9.23 -1.01
CA ARG A 121 13.43 9.52 -1.70
C ARG A 121 13.96 10.89 -1.32
N LEU A 122 13.10 11.91 -1.33
CA LEU A 122 13.47 13.24 -0.85
C LEU A 122 14.00 13.19 0.56
N HIS A 123 13.31 12.47 1.43
CA HIS A 123 13.76 12.40 2.79
C HIS A 123 15.10 11.65 2.96
N LYS A 124 15.28 10.54 2.22
CA LYS A 124 16.53 9.79 2.25
C LYS A 124 17.77 10.67 1.93
N GLU A 125 17.57 11.63 1.03
CA GLU A 125 18.60 12.55 0.61
C GLU A 125 18.63 13.84 1.43
N GLY A 126 17.78 13.90 2.44
CA GLY A 126 17.70 15.01 3.40
C GLY A 126 17.10 16.27 2.87
N LYS A 127 16.32 16.13 1.80
CA LYS A 127 15.80 17.24 1.01
C LYS A 127 14.29 17.58 1.31
N LEU A 128 13.63 16.73 2.09
CA LEU A 128 12.22 16.98 2.45
C LEU A 128 12.09 18.11 3.49
N LEU A 129 12.82 18.00 4.58
CA LEU A 129 12.79 18.98 5.68
C LEU A 129 13.11 20.41 5.21
N PRO A 130 14.16 20.61 4.38
CA PRO A 130 14.29 21.96 3.82
C PRO A 130 13.12 22.49 2.96
N LEU A 131 12.36 21.63 2.26
CA LEU A 131 11.19 22.11 1.52
C LEU A 131 10.10 22.60 2.48
N VAL A 132 9.89 21.84 3.56
CA VAL A 132 8.91 22.19 4.57
C VAL A 132 9.29 23.55 5.20
N HIS A 133 10.58 23.69 5.47
CA HIS A 133 11.11 24.93 6.07
C HIS A 133 10.79 26.18 5.28
N GLN A 134 10.81 26.06 3.96
CA GLN A 134 10.47 27.20 3.09
CA GLN A 134 10.50 27.22 3.10
C GLN A 134 9.10 27.79 3.37
N CYS A 135 8.14 26.98 3.83
CA CYS A 135 6.83 27.48 4.26
C CYS A 135 6.92 28.52 5.32
N TYR A 136 7.92 28.43 6.19
CA TYR A 136 8.03 29.33 7.35
C TYR A 136 9.01 30.51 7.16
N LEU A 137 9.57 30.63 5.98
CA LEU A 137 10.49 31.73 5.65
C LEU A 137 9.73 32.94 5.14
N THR B 36 -18.21 -21.86 3.29
CA THR B 36 -17.24 -22.98 3.14
C THR B 36 -16.44 -22.95 1.82
N ALA B 37 -17.07 -22.45 0.75
CA ALA B 37 -16.49 -22.47 -0.61
C ALA B 37 -15.23 -21.61 -0.81
N PRO B 38 -15.25 -20.34 -0.33
CA PRO B 38 -14.02 -19.55 -0.45
C PRO B 38 -12.83 -20.25 0.22
N VAL B 39 -13.00 -20.70 1.46
CA VAL B 39 -11.95 -21.39 2.21
C VAL B 39 -11.43 -22.59 1.42
N ASN B 40 -12.35 -23.34 0.83
CA ASN B 40 -11.96 -24.49 0.02
C ASN B 40 -11.14 -24.08 -1.22
N GLN B 41 -11.54 -22.99 -1.88
CA GLN B 41 -10.81 -22.52 -3.07
C GLN B 41 -9.43 -21.97 -2.72
N ILE B 42 -9.37 -21.20 -1.63
CA ILE B 42 -8.10 -20.72 -1.07
C ILE B 42 -7.15 -21.89 -0.78
N GLN B 43 -7.67 -22.92 -0.10
CA GLN B 43 -6.86 -24.12 0.20
C GLN B 43 -6.32 -24.81 -1.08
N GLU B 44 -7.16 -24.92 -2.11
CA GLU B 44 -6.73 -25.56 -3.35
C GLU B 44 -5.62 -24.75 -4.05
N THR B 45 -5.78 -23.42 -4.06
CA THR B 45 -4.82 -22.52 -4.71
C THR B 45 -3.45 -22.62 -4.03
N ILE B 46 -3.46 -22.62 -2.70
CA ILE B 46 -2.22 -22.63 -1.93
C ILE B 46 -1.54 -23.99 -1.97
N SER B 47 -2.33 -25.03 -2.29
CA SER B 47 -1.78 -26.37 -2.49
CA SER B 47 -1.80 -26.38 -2.48
C SER B 47 -1.24 -26.59 -3.90
N ASP B 48 -1.86 -25.97 -4.89
CA ASP B 48 -1.45 -26.15 -6.29
C ASP B 48 -0.25 -25.29 -6.72
N ASN B 49 0.03 -24.25 -5.94
CA ASN B 49 1.07 -23.25 -6.24
C ASN B 49 2.02 -23.12 -5.10
N CYS B 50 3.31 -23.07 -5.42
CA CYS B 50 4.35 -22.86 -4.42
CA CYS B 50 4.31 -22.88 -4.39
C CYS B 50 4.16 -21.55 -3.67
N VAL B 51 3.94 -20.48 -4.42
CA VAL B 51 3.80 -19.14 -3.86
C VAL B 51 2.49 -18.54 -4.32
N VAL B 52 1.70 -18.10 -3.34
CA VAL B 52 0.45 -17.43 -3.62
C VAL B 52 0.39 -16.09 -2.88
N ILE B 53 0.07 -15.05 -3.63
CA ILE B 53 -0.19 -13.72 -3.12
C ILE B 53 -1.67 -13.35 -3.33
N PHE B 54 -2.41 -13.31 -2.23
CA PHE B 54 -3.75 -12.73 -2.21
C PHE B 54 -3.59 -11.21 -2.13
N SER B 55 -4.12 -10.54 -3.15
CA SER B 55 -3.71 -9.21 -3.53
C SER B 55 -4.90 -8.31 -3.89
N LYS B 56 -4.59 -7.03 -4.06
CA LYS B 56 -5.45 -6.12 -4.81
C LYS B 56 -4.59 -5.39 -5.84
N THR B 57 -5.19 -5.14 -7.01
CA THR B 57 -4.49 -4.50 -8.11
C THR B 57 -4.13 -3.04 -7.82
N SER B 58 -4.87 -2.43 -6.91
CA SER B 58 -4.71 -1.04 -6.55
C SER B 58 -3.70 -0.80 -5.44
N CYS B 59 -3.13 -1.87 -4.85
CA CYS B 59 -2.30 -1.78 -3.65
C CYS B 59 -0.78 -1.89 -3.90
N SER B 60 -0.03 -0.86 -3.52
CA SER B 60 1.42 -0.83 -3.71
C SER B 60 2.19 -1.78 -2.79
N TYR B 61 1.67 -2.09 -1.59
CA TYR B 61 2.26 -3.20 -0.79
C TYR B 61 2.21 -4.52 -1.55
N CYS B 62 1.07 -4.76 -2.21
CA CYS B 62 0.92 -5.98 -3.00
C CYS B 62 1.89 -5.96 -4.18
N THR B 63 1.99 -4.82 -4.85
CA THR B 63 2.90 -4.66 -5.98
C THR B 63 4.35 -4.96 -5.56
N MET B 64 4.75 -4.44 -4.40
CA MET B 64 6.08 -4.68 -3.86
C MET B 64 6.32 -6.16 -3.50
N ALA B 65 5.32 -6.84 -2.96
CA ALA B 65 5.44 -8.27 -2.69
C ALA B 65 5.61 -9.06 -3.99
N LYS B 66 4.83 -8.70 -5.03
CA LYS B 66 5.00 -9.33 -6.33
C LYS B 66 6.44 -9.12 -6.86
N LYS B 67 6.90 -7.87 -6.81
CA LYS B 67 8.23 -7.48 -7.28
C LYS B 67 9.34 -8.23 -6.55
N LEU B 68 9.18 -8.42 -5.25
CA LEU B 68 10.11 -9.18 -4.46
C LEU B 68 10.29 -10.59 -5.04
N PHE B 69 9.20 -11.31 -5.23
CA PHE B 69 9.27 -12.66 -5.80
C PHE B 69 9.82 -12.64 -7.23
N HIS B 70 9.34 -11.69 -8.03
CA HIS B 70 9.86 -11.51 -9.39
C HIS B 70 11.39 -11.33 -9.39
N ASP B 71 11.91 -10.42 -8.56
CA ASP B 71 13.34 -10.16 -8.47
C ASP B 71 14.16 -11.38 -8.01
N MET B 72 13.57 -12.26 -7.22
CA MET B 72 14.17 -13.50 -6.75
C MET B 72 14.00 -14.62 -7.78
N ASN B 73 13.40 -14.32 -8.93
CA ASN B 73 13.20 -15.33 -10.01
C ASN B 73 12.26 -16.47 -9.60
N VAL B 74 11.18 -16.07 -8.93
CA VAL B 74 10.19 -17.01 -8.42
C VAL B 74 8.89 -16.78 -9.17
N ASN B 75 8.29 -17.87 -9.66
CA ASN B 75 6.97 -17.84 -10.19
C ASN B 75 5.97 -17.82 -9.03
N TYR B 76 4.97 -16.96 -9.15
CA TYR B 76 3.94 -16.90 -8.12
C TYR B 76 2.54 -16.76 -8.72
N LYS B 77 1.57 -17.24 -7.95
CA LYS B 77 0.17 -17.15 -8.33
C LYS B 77 -0.41 -15.94 -7.61
N VAL B 78 -1.01 -15.03 -8.36
CA VAL B 78 -1.67 -13.89 -7.73
C VAL B 78 -3.20 -14.04 -7.79
N VAL B 79 -3.88 -13.82 -6.67
CA VAL B 79 -5.36 -13.74 -6.67
C VAL B 79 -5.74 -12.33 -6.29
N GLU B 80 -6.26 -11.56 -7.25
CA GLU B 80 -6.68 -10.18 -7.02
C GLU B 80 -8.10 -10.17 -6.50
N LEU B 81 -8.20 -9.99 -5.18
CA LEU B 81 -9.47 -9.99 -4.48
C LEU B 81 -10.43 -8.91 -4.98
N ASP B 82 -9.89 -7.80 -5.46
CA ASP B 82 -10.72 -6.73 -5.99
C ASP B 82 -11.33 -7.05 -7.35
N LEU B 83 -10.79 -8.04 -8.08
CA LEU B 83 -11.38 -8.44 -9.36
C LEU B 83 -12.37 -9.61 -9.21
N LEU B 84 -12.50 -10.13 -7.98
CA LEU B 84 -13.41 -11.23 -7.71
C LEU B 84 -14.78 -10.73 -7.30
N GLU B 85 -15.83 -11.39 -7.81
CA GLU B 85 -17.21 -11.12 -7.41
C GLU B 85 -17.33 -11.11 -5.89
N TYR B 86 -16.94 -12.21 -5.26
CA TYR B 86 -17.06 -12.37 -3.80
C TYR B 86 -15.73 -12.16 -3.05
N GLY B 87 -15.00 -11.10 -3.41
CA GLY B 87 -13.70 -10.79 -2.80
C GLY B 87 -13.76 -10.48 -1.31
N ASN B 88 -14.87 -9.92 -0.88
CA ASN B 88 -15.11 -9.65 0.55
C ASN B 88 -15.12 -10.97 1.34
N GLN B 89 -15.71 -12.01 0.76
CA GLN B 89 -15.79 -13.31 1.43
C GLN B 89 -14.41 -13.97 1.50
N PHE B 90 -13.60 -13.79 0.47
CA PHE B 90 -12.23 -14.30 0.48
C PHE B 90 -11.46 -13.59 1.58
N GLN B 91 -11.61 -12.25 1.67
CA GLN B 91 -10.97 -11.48 2.76
C GLN B 91 -11.42 -11.94 4.15
N ASP B 92 -12.72 -12.26 4.29
CA ASP B 92 -13.25 -12.87 5.53
C ASP B 92 -12.63 -14.25 5.78
N ALA B 93 -12.55 -15.07 4.74
CA ALA B 93 -11.94 -16.39 4.86
C ALA B 93 -10.49 -16.25 5.29
N LEU B 94 -9.76 -15.30 4.68
CA LEU B 94 -8.34 -15.12 5.01
C LEU B 94 -8.14 -14.58 6.44
N TYR B 95 -9.08 -13.77 6.93
CA TYR B 95 -9.01 -13.30 8.31
C TYR B 95 -9.03 -14.46 9.31
N LYS B 96 -9.97 -15.39 9.09
CA LYS B 96 -10.12 -16.57 9.93
C LYS B 96 -8.89 -17.48 9.90
N MET B 97 -8.30 -17.63 8.72
CA MET B 97 -7.14 -18.49 8.53
C MET B 97 -5.86 -17.90 9.10
N THR B 98 -5.69 -16.59 8.98
CA THR B 98 -4.37 -15.97 9.19
C THR B 98 -4.31 -14.95 10.32
N GLY B 99 -5.46 -14.43 10.74
CA GLY B 99 -5.52 -13.48 11.85
C GLY B 99 -5.67 -12.01 11.48
N GLU B 100 -5.49 -11.67 10.20
CA GLU B 100 -5.78 -10.30 9.74
C GLU B 100 -6.52 -10.33 8.40
N ARG B 101 -7.32 -9.30 8.15
CA ARG B 101 -8.08 -9.20 6.90
C ARG B 101 -7.26 -8.59 5.74
N THR B 102 -6.06 -8.10 6.05
CA THR B 102 -5.35 -7.20 5.14
C THR B 102 -4.72 -7.90 3.92
N VAL B 103 -4.52 -7.14 2.85
CA VAL B 103 -3.71 -7.56 1.72
C VAL B 103 -2.32 -6.87 1.81
N PRO B 104 -1.27 -7.58 1.36
CA PRO B 104 -1.31 -8.95 0.84
C PRO B 104 -1.37 -10.03 1.92
N ARG B 105 -1.83 -11.21 1.54
CA ARG B 105 -1.69 -12.41 2.38
C ARG B 105 -0.86 -13.39 1.52
N ILE B 106 0.32 -13.76 2.00
CA ILE B 106 1.30 -14.53 1.22
C ILE B 106 1.48 -15.91 1.81
N PHE B 107 1.38 -16.92 0.92
CA PHE B 107 1.57 -18.30 1.25
C PHE B 107 2.75 -18.86 0.45
N VAL B 108 3.60 -19.64 1.11
CA VAL B 108 4.66 -20.43 0.46
C VAL B 108 4.51 -21.86 0.93
N ASN B 109 4.45 -22.79 -0.02
CA ASN B 109 4.32 -24.22 0.30
C ASN B 109 3.09 -24.52 1.15
N GLY B 110 1.99 -23.80 0.90
CA GLY B 110 0.76 -23.97 1.66
C GLY B 110 0.74 -23.37 3.06
N THR B 111 1.79 -22.65 3.43
CA THR B 111 1.89 -22.07 4.77
C THR B 111 1.84 -20.56 4.67
N PHE B 112 1.01 -19.97 5.53
CA PHE B 112 0.94 -18.52 5.65
C PHE B 112 2.24 -17.95 6.22
N ILE B 113 2.94 -17.12 5.45
CA ILE B 113 4.18 -16.55 5.93
C ILE B 113 4.02 -15.09 6.42
N GLY B 114 2.99 -14.41 5.97
CA GLY B 114 2.74 -13.06 6.44
C GLY B 114 2.24 -12.12 5.37
N GLY B 115 2.26 -10.85 5.71
CA GLY B 115 1.93 -9.76 4.79
C GLY B 115 3.20 -9.28 4.10
N ALA B 116 3.16 -8.07 3.54
CA ALA B 116 4.31 -7.53 2.79
C ALA B 116 5.56 -7.40 3.65
N THR B 117 5.41 -6.74 4.79
CA THR B 117 6.54 -6.47 5.68
CA THR B 117 6.55 -6.48 5.67
C THR B 117 7.20 -7.75 6.21
N ASP B 118 6.38 -8.70 6.67
CA ASP B 118 6.89 -9.99 7.19
C ASP B 118 7.66 -10.76 6.12
N THR B 119 7.11 -10.72 4.90
CA THR B 119 7.72 -11.45 3.76
C THR B 119 9.08 -10.83 3.37
N HIS B 120 9.14 -9.51 3.32
CA HIS B 120 10.39 -8.80 3.05
C HIS B 120 11.45 -9.06 4.13
N ARG B 121 11.04 -9.10 5.40
CA ARG B 121 11.95 -9.39 6.53
C ARG B 121 12.50 -10.82 6.50
N LEU B 122 11.64 -11.78 6.21
CA LEU B 122 12.06 -13.18 5.99
C LEU B 122 13.14 -13.27 4.91
N HIS B 123 12.93 -12.54 3.81
CA HIS B 123 13.93 -12.47 2.74
C HIS B 123 15.25 -11.81 3.21
N LYS B 124 15.13 -10.71 3.96
CA LYS B 124 16.29 -9.98 4.46
C LYS B 124 17.14 -10.87 5.32
N GLU B 125 16.47 -11.73 6.09
CA GLU B 125 17.11 -12.73 6.93
C GLU B 125 17.58 -13.98 6.16
N GLY B 126 17.40 -14.04 4.84
CA GLY B 126 17.81 -15.22 4.06
C GLY B 126 16.92 -16.45 4.23
N LYS B 127 15.73 -16.26 4.79
CA LYS B 127 14.84 -17.38 5.11
C LYS B 127 13.71 -17.64 4.07
N LEU B 128 13.54 -16.76 3.09
CA LEU B 128 12.43 -16.87 2.15
C LEU B 128 12.79 -17.80 1.03
N LEU B 129 13.96 -17.62 0.41
CA LEU B 129 14.34 -18.46 -0.74
C LEU B 129 14.37 -19.95 -0.39
N PRO B 130 14.98 -20.33 0.76
CA PRO B 130 14.96 -21.76 1.11
C PRO B 130 13.55 -22.38 1.19
N LEU B 131 12.56 -21.66 1.72
CA LEU B 131 11.16 -22.16 1.72
C LEU B 131 10.64 -22.39 0.31
N VAL B 132 10.87 -21.41 -0.55
CA VAL B 132 10.42 -21.50 -1.95
C VAL B 132 11.12 -22.68 -2.63
N HIS B 133 12.44 -22.74 -2.43
CA HIS B 133 13.28 -23.79 -3.02
C HIS B 133 12.81 -25.20 -2.64
N GLN B 134 12.57 -25.41 -1.36
CA GLN B 134 12.07 -26.71 -0.90
C GLN B 134 10.76 -27.06 -1.58
N CYS B 135 9.89 -26.05 -1.72
CA CYS B 135 8.62 -26.26 -2.42
C CYS B 135 8.78 -26.58 -3.94
N TYR B 136 9.62 -25.83 -4.65
CA TYR B 136 9.94 -26.16 -6.06
C TYR B 136 10.46 -27.59 -6.25
N LEU B 137 11.25 -28.08 -5.29
CA LEU B 137 11.75 -29.47 -5.35
C LEU B 137 10.76 -30.55 -4.95
N LYS B 138 9.62 -30.17 -4.36
CA LYS B 138 8.61 -31.16 -3.89
C LYS B 138 7.38 -31.27 -4.81
N LYS B 139 6.92 -30.12 -5.32
CA LYS B 139 5.62 -30.04 -5.99
C LYS B 139 5.54 -30.85 -7.28
N SER B 140 4.67 -31.86 -7.28
CA SER B 140 4.52 -32.77 -8.41
C SER B 140 3.74 -32.10 -9.54
N LYS B 141 4.00 -32.58 -10.76
CA LYS B 141 3.33 -32.12 -11.94
C LYS B 141 2.09 -33.01 -12.07
N ARG B 142 0.92 -32.45 -11.78
CA ARG B 142 -0.27 -33.34 -11.59
C ARG B 142 -0.61 -34.20 -12.80
N LYS B 143 -0.43 -33.66 -14.00
CA LYS B 143 -0.73 -34.45 -15.21
C LYS B 143 0.02 -35.77 -15.26
N GLU B 144 1.15 -35.89 -14.57
CA GLU B 144 1.94 -37.13 -14.58
C GLU B 144 1.51 -38.12 -13.51
N PHE B 145 0.71 -37.66 -12.52
CA PHE B 145 0.33 -38.50 -11.38
C PHE B 145 -1.18 -38.85 -11.35
N GLN B 146 -1.61 -39.50 -12.43
CA GLN B 146 -3.04 -39.74 -12.71
C GLN B 146 -3.19 -41.01 -13.52
N LEU C 1 0.07 19.04 18.28
CA LEU C 1 1.10 18.54 19.24
C LEU C 1 0.43 17.56 20.20
N GLY C 2 -0.48 18.08 21.01
CA GLY C 2 -1.39 17.26 21.80
C GLY C 2 -2.41 16.63 20.86
N THR C 3 -2.94 17.44 19.94
CA THR C 3 -3.90 16.93 18.95
C THR C 3 -3.24 15.94 17.98
N GLU C 4 -2.06 16.28 17.44
CA GLU C 4 -1.31 15.32 16.58
C GLU C 4 -1.17 13.92 17.22
N ASN C 5 -0.69 13.89 18.47
CA ASN C 5 -0.39 12.63 19.15
C ASN C 5 -1.68 11.87 19.47
N LEU C 6 -2.72 12.62 19.81
CA LEU C 6 -4.10 12.10 19.93
C LEU C 6 -4.56 11.39 18.65
N TYR C 7 -4.43 12.07 17.51
CA TYR C 7 -4.72 11.46 16.24
C TYR C 7 -3.82 10.26 16.01
N PHE C 8 -2.51 10.51 16.05
CA PHE C 8 -1.55 9.49 15.63
C PHE C 8 -1.65 8.21 16.46
N GLN C 9 -1.79 8.35 17.77
CA GLN C 9 -1.79 7.20 18.68
C GLN C 9 -3.05 6.34 18.45
N SER C 10 -4.10 6.98 17.96
CA SER C 10 -5.36 6.28 17.66
C SER C 10 -5.28 5.51 16.33
N MET C 11 -4.51 6.03 15.37
CA MET C 11 -4.29 5.35 14.09
C MET C 11 -3.32 4.18 14.23
N GLU C 12 -2.11 4.47 14.74
CA GLU C 12 -1.05 3.49 14.87
C GLU C 12 -1.13 2.77 16.21
N1 GSH D . 4.51 5.11 -6.92
CA1 GSH D . 3.33 5.66 -6.30
C1 GSH D . 3.68 6.23 -4.94
O11 GSH D . 4.84 6.00 -4.47
O12 GSH D . 2.84 6.91 -4.32
CB1 GSH D . 2.29 4.53 -6.18
CG1 GSH D . 0.90 5.07 -6.00
CD1 GSH D . -0.19 4.02 -6.09
OE1 GSH D . -0.22 3.16 -6.95
N2 GSH D . -1.11 4.13 -5.16
CA2 GSH D . -2.23 3.21 -5.09
C2 GSH D . -3.51 3.75 -5.65
O2 GSH D . -3.81 4.91 -5.43
CB2 GSH D . -2.44 2.96 -3.61
SG2 GSH D . -0.95 2.29 -2.83
N3 GSH D . -4.27 2.90 -6.36
CA3 GSH D . -5.56 3.16 -7.00
C3 GSH D . -5.65 2.34 -8.29
O31 GSH D . -6.77 2.17 -8.84
O32 GSH D . -4.60 1.84 -8.76
FE1 FES E . -1.65 1.67 -0.75
FE2 FES E . -1.78 -0.99 -0.04
S1 FES E . 0.00 0.35 -0.07
S2 FES E . -3.42 0.33 -0.72
N1 GSH F . 1.67 -4.77 7.73
CA1 GSH F . 0.78 -5.28 6.70
C1 GSH F . 1.60 -5.88 5.57
O11 GSH F . 2.81 -5.59 5.55
O12 GSH F . 1.08 -6.60 4.70
CB1 GSH F . -0.06 -4.13 6.20
CG1 GSH F . -1.28 -4.64 5.47
CD1 GSH F . -2.31 -3.56 5.20
OE1 GSH F . -2.56 -2.65 5.96
N2 GSH F . -2.93 -3.67 4.04
CA2 GSH F . -3.93 -2.68 3.69
C2 GSH F . -5.34 -3.24 3.70
O2 GSH F . -5.53 -4.43 3.49
CB2 GSH F . -3.58 -2.29 2.25
SG2 GSH F . -1.91 -1.60 2.17
N3 GSH F . -6.33 -2.39 3.90
CA3 GSH F . -7.76 -2.74 3.93
C3 GSH F . -8.13 -3.49 2.67
O31 GSH F . -7.59 -3.17 1.57
O32 GSH F . -8.96 -4.42 2.74
#